data_8IZE
#
_entry.id   8IZE
#
_cell.length_a   45.401
_cell.length_b   125.309
_cell.length_c   39.129
_cell.angle_alpha   90.00
_cell.angle_beta   90.00
_cell.angle_gamma   90.00
#
_symmetry.space_group_name_H-M   'P 21 21 2'
#
loop_
_entity.id
_entity.type
_entity.pdbx_description
1 polymer 'Butyrophilin subfamily 3 member A1'
2 non-polymer DI(HYDROXYETHYL)ETHER
3 non-polymer '[(E)-3-(hydroxymethyl)pent-2-enyl] phosphono hydrogen phosphate'
4 water water
#
_entity_poly.entity_id   1
_entity_poly.type   'polypeptide(L)'
_entity_poly.pdbx_seq_one_letter_code
;MGAYNEWKKALFKPADVILDPKTANPILLVSEDQRSVQRAKEPQDLPDNPERFNWHYCVLGCESFISGRHYWEVEVGDRK
EWHIGVCSKNVQRKGWVKMTPENGFWTMGLTDGNKYRTLTEPRTNLKLPKPPKKVGVFLDYETGDISFYNAVDGSHIHTF
LDVSFSEALYPVFRILTLEPTALTICPALEHHHHHH
;
_entity_poly.pdbx_strand_id   A
#
# COMPACT_ATOMS: atom_id res chain seq x y z
N GLY A 2 4.75 -23.21 -2.15
CA GLY A 2 3.38 -23.62 -2.51
C GLY A 2 2.99 -22.96 -3.83
N ALA A 3 1.71 -23.11 -4.19
CA ALA A 3 1.21 -22.60 -5.45
C ALA A 3 1.42 -21.08 -5.53
N TYR A 4 1.24 -20.34 -4.41
CA TYR A 4 1.45 -18.90 -4.43
C TYR A 4 2.83 -18.56 -5.00
N ASN A 5 3.87 -19.16 -4.45
CA ASN A 5 5.25 -18.89 -4.91
C ASN A 5 5.49 -19.42 -6.33
N GLU A 6 4.92 -20.57 -6.66
CA GLU A 6 5.21 -21.20 -7.94
C GLU A 6 4.49 -20.51 -9.09
N TRP A 7 3.38 -19.84 -8.80
CA TRP A 7 2.49 -19.35 -9.85
C TRP A 7 2.47 -17.84 -9.98
N LYS A 8 2.85 -17.10 -8.91
CA LYS A 8 2.59 -15.64 -8.92
C LYS A 8 3.20 -14.97 -10.15
N LYS A 9 4.45 -15.31 -10.54
CA LYS A 9 5.10 -14.66 -11.68
C LYS A 9 4.59 -15.14 -13.03
N ALA A 10 3.94 -16.32 -13.08
CA ALA A 10 3.30 -16.79 -14.30
C ALA A 10 2.05 -15.98 -14.62
N LEU A 11 1.42 -15.40 -13.61
CA LEU A 11 0.15 -14.72 -13.78
C LEU A 11 0.27 -13.19 -13.69
N PHE A 12 1.23 -12.68 -12.90
CA PHE A 12 1.37 -11.25 -12.68
C PHE A 12 2.84 -10.87 -12.87
N LYS A 13 3.08 -9.72 -13.49
CA LYS A 13 4.45 -9.29 -13.67
C LYS A 13 4.97 -8.72 -12.35
N PRO A 14 6.16 -9.17 -11.88
CA PRO A 14 6.71 -8.67 -10.63
C PRO A 14 7.15 -7.21 -10.83
N ALA A 15 6.53 -6.31 -10.09
CA ALA A 15 6.91 -4.90 -10.18
C ALA A 15 8.12 -4.67 -9.29
N ASP A 16 9.01 -3.82 -9.77
CA ASP A 16 10.11 -3.39 -8.92
C ASP A 16 9.73 -2.05 -8.34
N VAL A 17 9.17 -2.06 -7.13
CA VAL A 17 8.59 -0.85 -6.55
C VAL A 17 9.65 -0.16 -5.70
N ILE A 18 9.88 1.10 -6.02
CA ILE A 18 10.73 1.92 -5.18
C ILE A 18 9.93 3.15 -4.76
N LEU A 19 10.14 3.52 -3.52
CA LEU A 19 9.37 4.62 -2.95
C LEU A 19 9.90 5.96 -3.49
N ASP A 20 8.97 6.88 -3.74
CA ASP A 20 9.30 8.17 -4.31
C ASP A 20 9.37 9.21 -3.21
N PRO A 21 10.57 9.67 -2.81
CA PRO A 21 10.65 10.62 -1.71
C PRO A 21 9.94 11.95 -1.93
N LYS A 22 9.72 12.36 -3.20
CA LYS A 22 9.03 13.61 -3.49
C LYS A 22 7.55 13.54 -3.10
N THR A 23 7.01 12.31 -2.93
CA THR A 23 5.59 12.18 -2.60
C THR A 23 5.36 12.05 -1.09
N ALA A 24 6.43 11.74 -0.35
CA ALA A 24 6.25 11.31 1.04
C ALA A 24 5.92 12.49 1.93
N ASN A 25 4.90 12.31 2.76
CA ASN A 25 4.60 13.30 3.80
C ASN A 25 5.88 13.62 4.56
N PRO A 26 6.11 14.90 4.96
CA PRO A 26 7.34 15.26 5.65
C PRO A 26 7.64 14.55 6.96
N ILE A 27 6.66 13.89 7.57
CA ILE A 27 6.92 13.10 8.75
C ILE A 27 7.50 11.72 8.42
N LEU A 28 7.54 11.35 7.13
CA LEU A 28 8.05 10.04 6.72
C LEU A 28 9.50 10.17 6.27
N LEU A 29 10.21 9.06 6.47
CA LEU A 29 11.59 8.94 6.05
C LEU A 29 11.68 7.77 5.09
N VAL A 30 12.26 8.00 3.91
CA VAL A 30 12.46 6.91 2.95
C VAL A 30 13.92 6.48 3.02
N SER A 31 14.16 5.16 3.08
CA SER A 31 15.52 4.64 3.22
C SER A 31 16.35 4.97 1.98
N GLU A 32 17.67 4.82 2.13
CA GLU A 32 18.57 5.10 1.02
C GLU A 32 18.27 4.19 -0.18
N ASP A 33 17.99 2.89 0.08
CA ASP A 33 17.69 1.96 -1.01
C ASP A 33 16.26 2.15 -1.55
N GLN A 34 15.46 3.07 -0.97
CA GLN A 34 14.12 3.44 -1.40
C GLN A 34 13.15 2.27 -1.34
N ARG A 35 13.45 1.29 -0.47
CA ARG A 35 12.50 0.19 -0.29
C ARG A 35 11.82 0.24 1.07
N SER A 36 12.20 1.13 1.99
CA SER A 36 11.61 1.11 3.33
CA SER A 36 11.60 1.11 3.30
C SER A 36 11.19 2.51 3.75
N VAL A 37 10.15 2.56 4.59
CA VAL A 37 9.68 3.83 5.12
C VAL A 37 9.53 3.71 6.65
N GLN A 38 9.90 4.81 7.29
CA GLN A 38 9.77 4.97 8.73
C GLN A 38 9.11 6.30 9.02
N ARG A 39 8.74 6.50 10.25
CA ARG A 39 8.19 7.79 10.70
C ARG A 39 9.19 8.50 11.59
N ALA A 40 9.22 9.82 11.49
CA ALA A 40 9.97 10.62 12.44
C ALA A 40 9.05 11.10 13.58
N LYS A 41 9.67 11.61 14.65
CA LYS A 41 8.89 12.23 15.72
C LYS A 41 8.21 13.51 15.27
N GLU A 42 8.91 14.29 14.43
CA GLU A 42 8.46 15.59 13.99
C GLU A 42 8.63 15.67 12.48
N PRO A 43 7.79 16.47 11.77
CA PRO A 43 7.96 16.66 10.35
C PRO A 43 9.31 17.27 10.04
N GLN A 44 9.91 16.78 8.98
CA GLN A 44 11.15 17.35 8.48
C GLN A 44 10.86 18.57 7.60
N ASP A 45 11.91 19.38 7.39
CA ASP A 45 11.78 20.59 6.60
C ASP A 45 11.95 20.24 5.11
N LEU A 46 10.83 20.12 4.38
CA LEU A 46 10.87 19.78 2.96
C LEU A 46 9.93 20.74 2.25
N PRO A 47 10.07 20.90 0.91
CA PRO A 47 9.13 21.73 0.16
C PRO A 47 7.73 21.13 0.17
N ASP A 48 6.70 21.96 -0.01
CA ASP A 48 5.35 21.51 -0.20
C ASP A 48 5.04 21.40 -1.70
N ASN A 49 5.90 20.68 -2.44
CA ASN A 49 5.77 20.49 -3.87
C ASN A 49 4.49 19.73 -4.20
N PRO A 50 3.94 19.90 -5.42
CA PRO A 50 2.57 19.36 -5.68
C PRO A 50 2.41 17.86 -5.47
N GLU A 51 3.48 17.10 -5.71
CA GLU A 51 3.39 15.65 -5.62
C GLU A 51 3.31 15.14 -4.19
N ARG A 52 3.59 16.02 -3.19
CA ARG A 52 3.76 15.56 -1.82
C ARG A 52 2.43 15.49 -1.09
N PHE A 53 2.16 14.35 -0.43
CA PHE A 53 1.05 14.30 0.51
C PHE A 53 1.39 15.20 1.69
N ASN A 54 0.50 16.15 2.02
CA ASN A 54 0.84 17.11 3.08
C ASN A 54 0.02 16.88 4.35
N TRP A 55 -0.95 15.99 4.31
CA TRP A 55 -1.78 15.71 5.50
C TRP A 55 -1.74 14.20 5.82
N HIS A 56 -2.11 13.40 4.84
CA HIS A 56 -2.00 11.92 5.04
C HIS A 56 -0.53 11.51 5.10
N TYR A 57 -0.26 10.55 5.99
CA TYR A 57 1.12 10.04 6.19
C TYR A 57 1.38 8.95 5.14
N CYS A 58 1.36 9.39 3.89
CA CYS A 58 1.48 8.45 2.76
C CYS A 58 2.71 8.72 1.89
N VAL A 59 3.11 7.71 1.17
CA VAL A 59 4.17 7.78 0.15
C VAL A 59 3.76 6.84 -0.98
N LEU A 60 4.13 7.21 -2.22
CA LEU A 60 3.82 6.39 -3.38
C LEU A 60 5.10 5.71 -3.91
N GLY A 61 4.88 4.65 -4.74
CA GLY A 61 5.91 4.18 -5.64
C GLY A 61 6.23 5.24 -6.71
N CYS A 62 7.37 5.06 -7.36
CA CYS A 62 7.80 5.97 -8.41
C CYS A 62 7.10 5.74 -9.73
N GLU A 63 6.54 4.56 -9.94
CA GLU A 63 5.94 4.21 -11.21
C GLU A 63 4.48 3.81 -11.02
N SER A 64 3.67 4.17 -12.01
CA SER A 64 2.26 3.83 -12.01
C SER A 64 1.94 2.85 -13.15
N PHE A 65 0.71 2.34 -13.09
CA PHE A 65 0.23 1.35 -14.04
C PHE A 65 -1.06 1.81 -14.69
N ILE A 66 -1.15 1.59 -16.02
CA ILE A 66 -2.37 1.93 -16.80
C ILE A 66 -2.93 0.70 -17.50
N SER A 67 -2.32 -0.48 -17.31
CA SER A 67 -2.75 -1.71 -17.95
C SER A 67 -2.02 -2.87 -17.30
N GLY A 68 -2.50 -4.08 -17.58
CA GLY A 68 -1.74 -5.29 -17.23
C GLY A 68 -1.97 -5.79 -15.80
N ARG A 69 -1.27 -6.87 -15.53
CA ARG A 69 -1.27 -7.54 -14.25
C ARG A 69 0.10 -7.37 -13.61
N HIS A 70 0.10 -6.99 -12.31
CA HIS A 70 1.33 -6.60 -11.62
C HIS A 70 1.22 -7.04 -10.17
N TYR A 71 2.35 -7.32 -9.51
CA TYR A 71 2.31 -7.58 -8.07
C TYR A 71 3.61 -7.11 -7.42
N TRP A 72 3.48 -6.86 -6.09
CA TRP A 72 4.64 -6.60 -5.26
C TRP A 72 4.35 -7.10 -3.86
N GLU A 73 5.37 -7.24 -3.04
CA GLU A 73 5.21 -7.81 -1.70
C GLU A 73 5.83 -6.85 -0.70
N VAL A 74 5.17 -6.80 0.46
CA VAL A 74 5.53 -5.87 1.51
C VAL A 74 5.70 -6.62 2.82
N GLU A 75 6.86 -6.44 3.45
CA GLU A 75 7.12 -6.99 4.78
C GLU A 75 6.58 -6.03 5.84
N VAL A 76 5.46 -6.42 6.43
CA VAL A 76 4.84 -5.64 7.50
C VAL A 76 5.41 -6.09 8.87
N GLY A 77 5.94 -7.31 8.92
CA GLY A 77 6.58 -7.77 10.16
C GLY A 77 5.64 -7.65 11.35
N ASP A 78 6.24 -7.24 12.49
CA ASP A 78 5.48 -7.12 13.73
C ASP A 78 4.99 -5.69 13.94
N ARG A 79 4.88 -4.89 12.87
CA ARG A 79 4.31 -3.55 13.06
C ARG A 79 2.88 -3.68 13.60
N LYS A 80 2.48 -2.67 14.35
CA LYS A 80 1.15 -2.61 14.94
C LYS A 80 0.19 -1.79 14.07
N GLU A 81 0.71 -1.07 13.06
CA GLU A 81 -0.14 -0.20 12.27
C GLU A 81 0.50 -0.04 10.90
N TRP A 82 -0.31 -0.16 9.85
CA TRP A 82 0.15 0.06 8.48
C TRP A 82 -1.06 -0.09 7.57
N HIS A 83 -1.01 0.59 6.41
CA HIS A 83 -2.03 0.36 5.36
C HIS A 83 -1.34 0.45 4.02
N ILE A 84 -1.73 -0.43 3.11
CA ILE A 84 -1.09 -0.50 1.78
C ILE A 84 -2.15 -0.78 0.74
N GLY A 85 -1.79 -0.49 -0.51
CA GLY A 85 -2.62 -0.88 -1.65
C GLY A 85 -2.25 -0.03 -2.85
N VAL A 86 -3.29 0.48 -3.54
CA VAL A 86 -3.01 1.32 -4.71
C VAL A 86 -3.89 2.55 -4.59
N CYS A 87 -3.47 3.59 -5.33
CA CYS A 87 -4.36 4.76 -5.45
C CYS A 87 -4.21 5.38 -6.83
N SER A 88 -5.24 6.13 -7.21
CA SER A 88 -5.22 6.85 -8.48
CA SER A 88 -5.22 6.84 -8.47
C SER A 88 -4.19 7.98 -8.46
N LYS A 89 -3.64 8.26 -9.65
CA LYS A 89 -2.68 9.36 -9.78
C LYS A 89 -3.28 10.68 -9.33
N ASN A 90 -4.61 10.87 -9.52
CA ASN A 90 -5.23 12.17 -9.26
C ASN A 90 -5.89 12.25 -7.90
N VAL A 91 -5.50 11.40 -6.93
CA VAL A 91 -6.07 11.58 -5.59
C VAL A 91 -5.71 12.97 -5.01
N GLN A 92 -6.52 13.39 -4.05
CA GLN A 92 -6.24 14.64 -3.34
C GLN A 92 -5.03 14.49 -2.41
N ARG A 93 -3.93 15.17 -2.74
CA ARG A 93 -2.72 15.06 -1.91
C ARG A 93 -2.61 16.17 -0.86
N LYS A 94 -3.39 17.25 -1.02
CA LYS A 94 -3.27 18.36 -0.10
C LYS A 94 -4.56 18.43 0.73
N GLY A 95 -4.40 18.51 2.05
CA GLY A 95 -5.55 18.46 2.94
C GLY A 95 -6.09 17.04 3.10
N TRP A 96 -7.17 16.89 3.86
CA TRP A 96 -7.70 15.54 4.14
C TRP A 96 -8.75 15.18 3.10
N VAL A 97 -8.70 13.91 2.74
CA VAL A 97 -9.81 13.22 2.11
C VAL A 97 -9.88 11.86 2.81
N LYS A 98 -11.09 11.28 2.95
CA LYS A 98 -11.12 9.93 3.50
C LYS A 98 -10.56 8.94 2.46
N MET A 99 -9.65 8.06 2.90
CA MET A 99 -9.10 7.10 1.96
C MET A 99 -10.13 6.00 1.72
N THR A 100 -10.84 6.10 0.59
CA THR A 100 -11.89 5.18 0.21
C THR A 100 -11.80 4.98 -1.30
N PRO A 101 -12.39 3.89 -1.81
CA PRO A 101 -12.45 3.70 -3.27
C PRO A 101 -13.05 4.86 -4.06
N GLU A 102 -14.13 5.44 -3.53
CA GLU A 102 -14.75 6.59 -4.19
C GLU A 102 -13.79 7.78 -4.33
N ASN A 103 -12.81 7.88 -3.42
CA ASN A 103 -11.81 8.96 -3.46
C ASN A 103 -10.51 8.47 -4.09
N GLY A 104 -10.49 7.29 -4.71
CA GLY A 104 -9.34 6.84 -5.47
C GLY A 104 -8.30 6.05 -4.68
N PHE A 105 -8.68 5.44 -3.54
CA PHE A 105 -7.78 4.62 -2.76
C PHE A 105 -8.35 3.22 -2.57
N TRP A 106 -7.55 2.20 -2.87
CA TRP A 106 -7.94 0.80 -2.67
C TRP A 106 -6.88 0.18 -1.75
N THR A 107 -7.18 0.21 -0.45
CA THR A 107 -6.19 -0.13 0.55
C THR A 107 -6.79 -0.98 1.66
N MET A 108 -5.92 -1.69 2.36
CA MET A 108 -6.30 -2.40 3.57
C MET A 108 -5.12 -2.30 4.54
N GLY A 109 -5.36 -2.75 5.77
CA GLY A 109 -4.23 -2.77 6.68
C GLY A 109 -4.66 -3.07 8.12
N LEU A 110 -3.79 -2.65 9.02
CA LEU A 110 -3.81 -3.00 10.43
C LEU A 110 -3.77 -1.73 11.26
N THR A 111 -4.58 -1.71 12.31
CA THR A 111 -4.51 -0.64 13.30
CA THR A 111 -4.56 -0.65 13.31
C THR A 111 -4.56 -1.29 14.68
N ASP A 112 -3.96 -0.60 15.65
CA ASP A 112 -4.07 -1.02 17.05
C ASP A 112 -3.60 -2.46 17.25
N GLY A 113 -2.62 -2.92 16.48
CA GLY A 113 -1.96 -4.19 16.69
C GLY A 113 -2.70 -5.39 16.16
N ASN A 114 -4.05 -5.37 16.20
CA ASN A 114 -4.79 -6.58 15.86
C ASN A 114 -6.14 -6.31 15.22
N LYS A 115 -6.38 -5.08 14.74
CA LYS A 115 -7.62 -4.75 14.03
C LYS A 115 -7.32 -4.59 12.54
N TYR A 116 -7.58 -5.66 11.76
CA TYR A 116 -7.40 -5.60 10.31
C TYR A 116 -8.66 -5.04 9.69
N ARG A 117 -8.50 -4.15 8.68
CA ARG A 117 -9.67 -3.55 8.04
C ARG A 117 -9.39 -3.37 6.55
N THR A 118 -10.51 -3.28 5.81
N THR A 118 -10.44 -3.37 5.73
CA THR A 118 -10.53 -2.71 4.48
CA THR A 118 -10.36 -2.78 4.41
C THR A 118 -10.84 -1.22 4.65
C THR A 118 -10.88 -1.35 4.50
N LEU A 119 -10.16 -0.40 3.87
CA LEU A 119 -10.49 1.03 3.92
C LEU A 119 -11.58 1.36 2.90
N THR A 120 -12.77 0.81 3.18
CA THR A 120 -13.98 1.03 2.41
C THR A 120 -14.78 2.14 3.10
N GLU A 121 -15.91 2.51 2.48
CA GLU A 121 -16.87 3.43 3.11
C GLU A 121 -18.19 2.70 3.31
N PRO A 122 -18.57 2.32 4.55
CA PRO A 122 -17.75 2.45 5.76
C PRO A 122 -16.64 1.40 5.79
N ARG A 123 -15.71 1.54 6.74
CA ARG A 123 -14.65 0.56 6.88
C ARG A 123 -15.25 -0.78 7.26
N THR A 124 -14.60 -1.87 6.84
CA THR A 124 -15.04 -3.21 7.16
C THR A 124 -13.91 -3.93 7.90
N ASN A 125 -14.24 -4.69 8.93
CA ASN A 125 -13.27 -5.47 9.67
C ASN A 125 -13.04 -6.79 8.93
N LEU A 126 -11.77 -7.18 8.85
CA LEU A 126 -11.35 -8.46 8.31
C LEU A 126 -11.08 -9.39 9.46
N LYS A 127 -11.33 -10.69 9.23
CA LYS A 127 -11.02 -11.68 10.25
C LYS A 127 -9.91 -12.57 9.68
N LEU A 128 -8.68 -12.39 10.17
CA LEU A 128 -7.55 -13.14 9.64
C LEU A 128 -7.13 -14.17 10.69
N PRO A 129 -7.08 -15.47 10.32
CA PRO A 129 -6.79 -16.53 11.30
C PRO A 129 -5.38 -16.40 11.85
N LYS A 130 -4.44 -15.94 11.01
CA LYS A 130 -3.09 -15.73 11.50
C LYS A 130 -2.66 -14.35 11.03
N PRO A 131 -1.91 -13.62 11.85
CA PRO A 131 -1.43 -12.29 11.44
C PRO A 131 -0.38 -12.45 10.36
N PRO A 132 -0.52 -11.71 9.22
CA PRO A 132 0.52 -11.81 8.19
C PRO A 132 1.78 -11.07 8.60
N LYS A 133 2.92 -11.58 8.12
CA LYS A 133 4.21 -10.87 8.24
C LYS A 133 4.63 -10.28 6.88
N LYS A 134 4.19 -10.87 5.77
CA LYS A 134 4.47 -10.40 4.42
C LYS A 134 3.16 -10.46 3.65
N VAL A 135 2.85 -9.35 2.94
CA VAL A 135 1.60 -9.24 2.20
C VAL A 135 1.91 -9.02 0.74
N GLY A 136 1.28 -9.84 -0.13
CA GLY A 136 1.38 -9.62 -1.56
C GLY A 136 0.20 -8.80 -2.05
N VAL A 137 0.51 -7.77 -2.84
CA VAL A 137 -0.49 -6.88 -3.42
C VAL A 137 -0.50 -7.11 -4.93
N PHE A 138 -1.70 -7.44 -5.45
CA PHE A 138 -1.87 -7.91 -6.83
C PHE A 138 -2.88 -7.01 -7.53
N LEU A 139 -2.51 -6.54 -8.70
CA LEU A 139 -3.35 -5.68 -9.50
C LEU A 139 -3.62 -6.37 -10.85
N ASP A 140 -4.90 -6.43 -11.24
CA ASP A 140 -5.25 -6.80 -12.63
C ASP A 140 -6.05 -5.61 -13.16
N TYR A 141 -5.41 -4.73 -13.93
CA TYR A 141 -6.08 -3.47 -14.32
C TYR A 141 -7.37 -3.70 -15.13
N GLU A 142 -7.28 -4.60 -16.09
CA GLU A 142 -8.44 -4.80 -17.01
C GLU A 142 -9.65 -5.45 -16.34
N THR A 143 -9.43 -6.42 -15.46
CA THR A 143 -10.55 -7.06 -14.73
C THR A 143 -11.03 -6.15 -13.59
N GLY A 144 -10.16 -5.24 -13.16
CA GLY A 144 -10.51 -4.34 -12.05
C GLY A 144 -10.33 -4.97 -10.68
N ASP A 145 -9.41 -5.93 -10.56
CA ASP A 145 -9.29 -6.59 -9.27
C ASP A 145 -8.00 -6.17 -8.59
N ILE A 146 -8.11 -5.85 -7.30
CA ILE A 146 -6.93 -5.60 -6.45
C ILE A 146 -7.02 -6.61 -5.32
N SER A 147 -6.03 -7.51 -5.22
CA SER A 147 -6.13 -8.56 -4.23
CA SER A 147 -6.10 -8.58 -4.25
C SER A 147 -4.89 -8.55 -3.32
N PHE A 148 -5.14 -9.04 -2.09
CA PHE A 148 -4.10 -9.07 -1.05
C PHE A 148 -4.03 -10.50 -0.53
N TYR A 149 -2.79 -11.01 -0.44
CA TYR A 149 -2.53 -12.36 0.04
C TYR A 149 -1.49 -12.34 1.14
N ASN A 150 -1.56 -13.31 2.06
CA ASN A 150 -0.42 -13.58 2.93
C ASN A 150 0.67 -14.24 2.08
N ALA A 151 1.82 -13.56 1.92
CA ALA A 151 2.82 -14.00 0.95
C ALA A 151 3.65 -15.17 1.47
N VAL A 152 3.43 -15.59 2.71
CA VAL A 152 4.13 -16.78 3.21
C VAL A 152 3.29 -18.03 3.01
N ASP A 153 2.01 -18.01 3.40
CA ASP A 153 1.22 -19.24 3.28
C ASP A 153 0.23 -19.20 2.11
N GLY A 154 0.20 -18.12 1.32
CA GLY A 154 -0.69 -18.01 0.17
C GLY A 154 -2.16 -17.74 0.50
N SER A 155 -2.50 -17.57 1.79
CA SER A 155 -3.92 -17.38 2.14
C SER A 155 -4.47 -16.02 1.67
N HIS A 156 -5.75 -16.00 1.35
CA HIS A 156 -6.39 -14.78 0.83
C HIS A 156 -6.73 -13.83 1.99
N ILE A 157 -6.43 -12.56 1.81
CA ILE A 157 -6.75 -11.53 2.79
C ILE A 157 -8.00 -10.75 2.33
N HIS A 158 -7.99 -10.17 1.13
CA HIS A 158 -9.10 -9.37 0.67
C HIS A 158 -8.96 -9.12 -0.83
N THR A 159 -10.09 -9.03 -1.54
CA THR A 159 -10.08 -8.59 -2.92
C THR A 159 -11.11 -7.49 -3.11
N PHE A 160 -10.69 -6.36 -3.71
CA PHE A 160 -11.60 -5.37 -4.31
C PHE A 160 -11.89 -5.88 -5.72
N LEU A 161 -13.18 -6.14 -6.00
CA LEU A 161 -13.59 -6.78 -7.24
C LEU A 161 -14.16 -5.78 -8.23
N ASP A 162 -13.76 -5.95 -9.51
CA ASP A 162 -14.46 -5.36 -10.65
C ASP A 162 -14.57 -3.84 -10.55
N VAL A 163 -13.47 -3.21 -10.16
CA VAL A 163 -13.40 -1.76 -10.18
C VAL A 163 -13.22 -1.30 -11.62
N SER A 164 -13.93 -0.24 -12.04
CA SER A 164 -13.69 0.35 -13.35
C SER A 164 -12.62 1.43 -13.25
N PHE A 165 -11.34 1.06 -13.33
CA PHE A 165 -10.29 2.04 -13.22
C PHE A 165 -10.24 2.93 -14.47
N SER A 166 -10.03 4.24 -14.25
CA SER A 166 -9.79 5.13 -15.36
C SER A 166 -8.47 5.86 -15.31
N GLU A 167 -7.87 6.00 -14.16
CA GLU A 167 -6.63 6.70 -13.93
C GLU A 167 -5.47 5.70 -13.83
N ALA A 168 -4.23 6.21 -14.00
CA ALA A 168 -3.05 5.44 -13.59
C ALA A 168 -3.10 5.15 -12.08
N LEU A 169 -2.57 3.99 -11.73
CA LEU A 169 -2.55 3.53 -10.34
C LEU A 169 -1.12 3.45 -9.83
N TYR A 170 -0.90 3.99 -8.64
CA TYR A 170 0.38 3.88 -7.94
C TYR A 170 0.27 2.96 -6.73
N PRO A 171 1.31 2.19 -6.45
CA PRO A 171 1.40 1.62 -5.10
C PRO A 171 1.43 2.75 -4.06
N VAL A 172 0.68 2.55 -2.97
CA VAL A 172 0.64 3.52 -1.87
C VAL A 172 0.85 2.79 -0.56
N PHE A 173 1.45 3.54 0.37
CA PHE A 173 1.83 3.01 1.70
C PHE A 173 1.56 4.13 2.71
N ARG A 174 1.02 3.75 3.86
CA ARG A 174 0.67 4.72 4.92
C ARG A 174 1.10 4.13 6.26
N ILE A 175 1.79 4.94 7.05
CA ILE A 175 2.11 4.54 8.46
C ILE A 175 1.86 5.75 9.36
N LEU A 176 1.12 5.51 10.44
CA LEU A 176 0.77 6.61 11.37
C LEU A 176 1.62 6.57 12.63
N THR A 177 2.14 5.41 12.98
CA THR A 177 2.77 5.24 14.31
C THR A 177 4.29 5.30 14.28
N LEU A 178 4.84 5.59 15.45
CA LEU A 178 6.31 5.59 15.63
C LEU A 178 6.63 4.28 16.33
N GLU A 179 7.27 3.36 15.63
CA GLU A 179 7.53 2.02 16.15
C GLU A 179 8.91 1.60 15.65
N PRO A 180 9.55 0.60 16.25
CA PRO A 180 10.91 0.22 15.84
C PRO A 180 10.99 -0.41 14.46
N THR A 181 9.95 -1.11 14.01
CA THR A 181 10.01 -1.83 12.76
C THR A 181 9.47 -0.94 11.63
N ALA A 182 10.19 -0.90 10.52
CA ALA A 182 9.79 -0.16 9.32
C ALA A 182 8.76 -0.95 8.50
N LEU A 183 8.21 -0.26 7.50
CA LEU A 183 7.43 -0.93 6.46
C LEU A 183 8.32 -1.05 5.22
N THR A 184 8.48 -2.27 4.73
CA THR A 184 9.53 -2.50 3.72
C THR A 184 9.03 -3.29 2.50
N ILE A 185 9.43 -2.85 1.33
CA ILE A 185 9.11 -3.57 0.08
C ILE A 185 10.14 -4.69 -0.13
N CYS A 186 9.61 -5.88 -0.41
CA CYS A 186 10.49 -7.04 -0.73
C CYS A 186 10.98 -6.82 -2.17
N PRO A 187 12.30 -6.90 -2.45
CA PRO A 187 12.78 -6.63 -3.80
C PRO A 187 12.41 -7.74 -4.79
N ALA A 188 12.21 -7.33 -6.04
CA ALA A 188 11.82 -8.30 -7.09
C ALA A 188 13.07 -9.05 -7.58
#